data_6C34
#
_entry.id   6C34
#
_cell.length_a   63.246
_cell.length_b   39.878
_cell.length_c   68.424
_cell.angle_alpha   90.00
_cell.angle_beta   108.80
_cell.angle_gamma   90.00
#
_symmetry.space_group_name_H-M   'P 1 21 1'
#
loop_
_entity.id
_entity.type
_entity.pdbx_description
1 polymer "5'-3' exonuclease"
2 non-polymer 'MANGANESE (II) ION'
3 water water
#
_entity_poly.entity_id   1
_entity_poly.type   'polypeptide(L)'
_entity_poly.pdbx_seq_one_letter_code
;MTAPILLLDGASMWFRSYFGVPSSIKAPDGRPVNAVRGFIDAISTLVTREKPRRLVVCRDDDWRPQWRVDLIPSYKAHRV
AEPEPDGVPDIEEVPDDLTPQVNMILELLDAFGIPTAGAAGFEANDVLGTLSAREERDPVVVVSGDRDLLQLVRDEPAPQ
VRVLYLGRGLAKATKWGPAEVAEQYGVPLDRAGTAYAELALLRGDPSDGLPGVAGIGEKTAASLLAKHGSLQNILDAAHD
PKSGLSKAHRTKLLGAVDYIAAAETVVRVATDAPVTFSTPTDTLPLAAGDPARVAELAAAYGVSSSISRLQTALDQLPD
;
_entity_poly.pdbx_strand_id   A
#
loop_
_chem_comp.id
_chem_comp.type
_chem_comp.name
_chem_comp.formula
MN non-polymer 'MANGANESE (II) ION' 'Mn 2'
#
# COMPACT_ATOMS: atom_id res chain seq x y z
N ALA A 3 20.36 -7.21 3.91
CA ALA A 3 19.68 -6.35 2.95
C ALA A 3 18.18 -6.64 2.91
N PRO A 4 17.37 -5.60 2.97
CA PRO A 4 15.93 -5.79 2.93
C PRO A 4 15.46 -6.05 1.52
N ILE A 5 14.33 -6.74 1.40
CA ILE A 5 13.57 -6.72 0.16
C ILE A 5 12.62 -5.53 0.23
N LEU A 6 12.62 -4.71 -0.82
CA LEU A 6 11.71 -3.58 -0.90
C LEU A 6 10.44 -4.02 -1.62
N LEU A 7 9.29 -3.71 -1.04
CA LEU A 7 8.01 -3.87 -1.69
C LEU A 7 7.40 -2.48 -1.88
N LEU A 8 7.19 -2.09 -3.14
CA LEU A 8 6.78 -0.74 -3.50
C LEU A 8 5.28 -0.73 -3.75
N ASP A 9 4.58 0.22 -3.13
CA ASP A 9 3.16 0.45 -3.41
C ASP A 9 3.11 1.37 -4.64
N GLY A 10 3.17 0.74 -5.82
CA GLY A 10 3.32 1.47 -7.07
C GLY A 10 2.40 2.65 -7.23
N ALA A 11 1.08 2.42 -7.11
CA ALA A 11 0.11 3.48 -7.36
C ALA A 11 0.23 4.61 -6.34
N SER A 12 0.51 4.28 -5.08
CA SER A 12 0.79 5.34 -4.11
C SER A 12 1.95 6.20 -4.56
N MET A 13 2.99 5.58 -5.12
CA MET A 13 4.23 6.29 -5.44
C MET A 13 4.09 7.10 -6.73
N TRP A 14 3.54 6.52 -7.80
CA TRP A 14 3.48 7.36 -8.99
C TRP A 14 2.39 8.41 -8.92
N PHE A 15 1.37 8.22 -8.06
CA PHE A 15 0.50 9.35 -7.75
C PHE A 15 1.28 10.46 -7.02
N ARG A 16 2.13 10.07 -6.05
CA ARG A 16 2.95 11.07 -5.37
C ARG A 16 3.83 11.79 -6.36
N SER A 17 4.50 11.04 -7.24
CA SER A 17 5.37 11.66 -8.24
C SER A 17 4.59 12.58 -9.17
N TYR A 18 3.36 12.20 -9.49
CA TYR A 18 2.55 13.07 -10.34
C TYR A 18 2.29 14.41 -9.68
N PHE A 19 2.17 14.44 -8.35
CA PHE A 19 1.90 15.68 -7.64
C PHE A 19 3.16 16.30 -7.07
N GLY A 20 4.32 15.66 -7.26
CA GLY A 20 5.56 16.13 -6.69
C GLY A 20 6.59 16.52 -7.74
N VAL A 21 6.29 16.31 -9.01
CA VAL A 21 7.18 16.70 -10.09
C VAL A 21 6.36 17.59 -11.02
N PRO A 22 6.89 18.71 -11.51
CA PRO A 22 6.03 19.63 -12.27
C PRO A 22 5.62 19.03 -13.62
N SER A 23 4.39 19.33 -14.03
CA SER A 23 3.86 18.77 -15.27
C SER A 23 4.53 19.34 -16.52
N SER A 24 5.43 20.30 -16.39
CA SER A 24 6.14 20.81 -17.56
C SER A 24 7.29 19.89 -17.97
N ILE A 25 7.59 18.87 -17.18
CA ILE A 25 8.47 17.79 -17.57
C ILE A 25 7.69 16.89 -18.54
N LYS A 26 8.05 16.94 -19.83
CA LYS A 26 7.28 16.33 -20.93
C LYS A 26 8.17 15.45 -21.79
N ALA A 27 7.54 14.49 -22.48
CA ALA A 27 8.22 13.67 -23.48
C ALA A 27 8.35 14.47 -24.78
N PRO A 28 9.17 13.99 -25.73
CA PRO A 28 9.34 14.76 -26.97
C PRO A 28 8.05 14.95 -27.74
N ASP A 29 7.07 14.07 -27.57
CA ASP A 29 5.79 14.20 -28.25
C ASP A 29 4.81 15.09 -27.49
N GLY A 30 5.22 15.69 -26.36
CA GLY A 30 4.42 16.62 -25.61
C GLY A 30 3.67 16.06 -24.42
N ARG A 31 3.68 14.75 -24.22
CA ARG A 31 2.94 14.20 -23.08
C ARG A 31 3.72 14.39 -21.79
N PRO A 32 3.11 14.93 -20.72
CA PRO A 32 3.79 15.00 -19.42
C PRO A 32 4.33 13.64 -19.01
N VAL A 33 5.53 13.62 -18.44
CA VAL A 33 6.12 12.38 -17.93
C VAL A 33 6.64 12.63 -16.52
N ASN A 34 6.10 13.66 -15.84
CA ASN A 34 6.58 14.02 -14.49
C ASN A 34 6.43 12.86 -13.51
N ALA A 35 5.32 12.11 -13.59
CA ALA A 35 5.16 10.96 -12.71
C ALA A 35 6.14 9.85 -13.07
N VAL A 36 6.45 9.69 -14.36
CA VAL A 36 7.38 8.65 -14.76
C VAL A 36 8.77 8.97 -14.25
N ARG A 37 9.23 10.19 -14.51
CA ARG A 37 10.51 10.63 -13.95
C ARG A 37 10.52 10.46 -12.45
N GLY A 38 9.53 11.01 -11.76
CA GLY A 38 9.50 10.93 -10.30
C GLY A 38 9.53 9.50 -9.80
N PHE A 39 8.79 8.60 -10.47
CA PHE A 39 8.71 7.24 -9.96
C PHE A 39 10.02 6.49 -10.14
N ILE A 40 10.71 6.71 -11.27
CA ILE A 40 11.97 6.02 -11.51
C ILE A 40 13.03 6.54 -10.55
N ASP A 41 13.10 7.86 -10.38
CA ASP A 41 14.03 8.47 -9.42
C ASP A 41 13.80 7.93 -8.01
N ALA A 42 12.54 7.74 -7.62
CA ALA A 42 12.26 7.17 -6.30
C ALA A 42 12.85 5.77 -6.16
N ILE A 43 12.83 4.98 -7.24
CA ILE A 43 13.44 3.65 -7.17
C ILE A 43 14.93 3.78 -6.98
N SER A 44 15.56 4.68 -7.74
CA SER A 44 17.01 4.88 -7.62
C SER A 44 17.37 5.37 -6.22
N THR A 45 16.59 6.33 -5.70
CA THR A 45 16.80 6.79 -4.34
C THR A 45 16.67 5.64 -3.36
N LEU A 46 15.61 4.84 -3.51
CA LEU A 46 15.41 3.69 -2.64
C LEU A 46 16.52 2.66 -2.77
N VAL A 47 16.94 2.36 -4.00
CA VAL A 47 18.00 1.40 -4.20
C VAL A 47 19.27 1.88 -3.51
N THR A 48 19.58 3.19 -3.63
CA THR A 48 20.84 3.69 -3.06
C THR A 48 20.78 3.74 -1.54
N ARG A 49 19.61 4.10 -0.99
CA ARG A 49 19.48 4.17 0.47
C ARG A 49 19.42 2.78 1.09
N GLU A 50 18.59 1.88 0.54
CA GLU A 50 18.36 0.59 1.18
C GLU A 50 19.32 -0.49 0.70
N LYS A 51 19.92 -0.33 -0.47
CA LYS A 51 20.75 -1.38 -1.09
C LYS A 51 20.10 -2.76 -1.01
N PRO A 52 18.92 -2.93 -1.60
CA PRO A 52 18.30 -4.26 -1.62
C PRO A 52 18.91 -5.13 -2.69
N ARG A 53 18.87 -6.44 -2.46
CA ARG A 53 19.04 -7.38 -3.57
C ARG A 53 17.71 -7.73 -4.22
N ARG A 54 16.59 -7.57 -3.51
CA ARG A 54 15.27 -7.94 -3.99
C ARG A 54 14.32 -6.75 -3.91
N LEU A 55 13.48 -6.62 -4.94
CA LEU A 55 12.60 -5.46 -5.06
C LEU A 55 11.44 -5.83 -5.98
N VAL A 56 10.23 -5.49 -5.55
CA VAL A 56 8.99 -5.75 -6.29
C VAL A 56 8.17 -4.47 -6.30
N VAL A 57 7.69 -4.07 -7.48
CA VAL A 57 6.65 -3.04 -7.60
C VAL A 57 5.29 -3.74 -7.56
N CYS A 58 4.51 -3.47 -6.53
CA CYS A 58 3.25 -4.18 -6.35
C CYS A 58 2.10 -3.47 -7.07
N ARG A 59 1.40 -4.20 -7.92
CA ARG A 59 0.37 -3.64 -8.77
C ARG A 59 -1.01 -3.76 -8.13
N ASP A 60 -1.94 -2.95 -8.65
CA ASP A 60 -3.37 -3.00 -8.33
C ASP A 60 -4.07 -3.65 -9.53
N ASP A 61 -4.12 -4.98 -9.56
CA ASP A 61 -4.87 -5.62 -10.65
C ASP A 61 -6.34 -5.20 -10.60
N ASP A 62 -6.89 -5.07 -9.39
CA ASP A 62 -8.18 -4.42 -9.16
C ASP A 62 -8.02 -3.45 -7.98
N TRP A 63 -7.96 -2.15 -8.28
CA TRP A 63 -7.82 -1.14 -7.23
C TRP A 63 -9.04 -1.07 -6.31
N ARG A 64 -10.21 -1.56 -6.76
CA ARG A 64 -11.45 -1.51 -5.97
C ARG A 64 -12.26 -2.80 -6.14
N PRO A 65 -11.82 -3.89 -5.53
CA PRO A 65 -12.47 -5.18 -5.76
C PRO A 65 -13.92 -5.19 -5.33
N GLN A 66 -14.78 -5.71 -6.19
CA GLN A 66 -16.22 -5.74 -5.93
C GLN A 66 -16.54 -6.55 -4.68
N TRP A 67 -15.69 -7.53 -4.31
CA TRP A 67 -16.01 -8.28 -3.10
C TRP A 67 -15.94 -7.39 -1.86
N ARG A 68 -15.06 -6.37 -1.84
CA ARG A 68 -15.08 -5.39 -0.75
C ARG A 68 -16.28 -4.45 -0.88
N VAL A 69 -16.63 -4.05 -2.10
CA VAL A 69 -17.75 -3.13 -2.32
C VAL A 69 -19.08 -3.79 -1.95
N ASP A 70 -19.22 -5.11 -2.16
CA ASP A 70 -20.42 -5.80 -1.72
C ASP A 70 -20.57 -5.74 -0.20
N LEU A 71 -19.45 -5.72 0.54
CA LEU A 71 -19.54 -5.63 1.99
C LEU A 71 -19.84 -4.21 2.45
N ILE A 72 -19.07 -3.23 1.98
CA ILE A 72 -19.30 -1.82 2.29
C ILE A 72 -19.43 -1.07 0.97
N PRO A 73 -20.67 -0.85 0.50
CA PRO A 73 -20.86 -0.21 -0.81
C PRO A 73 -20.20 1.14 -0.94
N SER A 74 -20.06 1.89 0.15
CA SER A 74 -19.42 3.19 0.08
C SER A 74 -17.92 3.11 -0.17
N TYR A 75 -17.32 1.92 -0.11
CA TYR A 75 -15.86 1.76 -0.18
C TYR A 75 -15.28 2.29 -1.47
N LYS A 76 -14.35 3.25 -1.35
CA LYS A 76 -13.66 3.92 -2.45
C LYS A 76 -14.63 4.51 -3.48
N ALA A 77 -15.88 4.75 -3.09
CA ALA A 77 -16.92 5.11 -4.06
C ALA A 77 -16.74 6.54 -4.57
N HIS A 78 -16.28 7.46 -3.73
CA HIS A 78 -16.08 8.84 -4.18
C HIS A 78 -14.92 8.98 -5.15
N ARG A 79 -14.12 7.91 -5.36
CA ARG A 79 -12.99 7.93 -6.27
C ARG A 79 -13.27 7.19 -7.59
N VAL A 80 -14.50 6.76 -7.85
CA VAL A 80 -14.83 5.97 -9.04
C VAL A 80 -15.23 6.91 -10.17
N ALA A 81 -14.53 6.82 -11.31
CA ALA A 81 -15.00 7.52 -12.50
C ALA A 81 -16.23 6.82 -13.08
N GLU A 82 -16.10 5.56 -13.42
CA GLU A 82 -17.21 4.81 -13.97
C GLU A 82 -17.15 3.38 -13.44
N PRO A 83 -18.22 2.91 -12.77
CA PRO A 83 -18.24 1.51 -12.32
C PRO A 83 -18.29 0.55 -13.50
N GLU A 84 -17.54 -0.52 -13.40
CA GLU A 84 -17.58 -1.57 -14.40
C GLU A 84 -18.21 -2.80 -13.77
N PRO A 85 -18.95 -3.61 -14.54
CA PRO A 85 -19.65 -4.75 -13.92
C PRO A 85 -18.71 -5.89 -13.57
N ASP A 86 -19.26 -6.91 -12.91
CA ASP A 86 -18.68 -8.23 -12.62
C ASP A 86 -17.30 -8.53 -13.20
N GLY A 87 -16.24 -8.39 -12.40
CA GLY A 87 -14.91 -8.81 -12.83
C GLY A 87 -14.00 -7.72 -13.36
N VAL A 88 -14.55 -6.83 -14.18
CA VAL A 88 -13.81 -5.72 -14.75
C VAL A 88 -13.60 -4.63 -13.70
N PRO A 89 -12.35 -4.24 -13.43
CA PRO A 89 -12.10 -3.21 -12.42
C PRO A 89 -12.77 -1.89 -12.79
N ASP A 90 -13.24 -1.18 -11.76
CA ASP A 90 -13.87 0.11 -12.01
C ASP A 90 -12.87 1.10 -12.58
N ILE A 91 -13.38 2.01 -13.40
CA ILE A 91 -12.55 3.10 -13.90
C ILE A 91 -12.32 4.07 -12.75
N GLU A 92 -11.09 4.16 -12.28
CA GLU A 92 -10.79 5.10 -11.21
C GLU A 92 -10.77 6.52 -11.78
N GLU A 93 -11.23 7.48 -10.98
CA GLU A 93 -11.04 8.89 -11.30
C GLU A 93 -9.56 9.23 -11.21
N VAL A 94 -8.93 9.45 -12.37
CA VAL A 94 -7.48 9.69 -12.49
C VAL A 94 -7.28 10.78 -13.54
N PRO A 95 -6.38 11.75 -13.33
CA PRO A 95 -6.15 12.79 -14.35
C PRO A 95 -5.77 12.18 -15.69
N ASP A 96 -6.29 12.79 -16.76
CA ASP A 96 -6.11 12.24 -18.10
C ASP A 96 -4.66 12.16 -18.53
N ASP A 97 -3.77 12.95 -17.92
CA ASP A 97 -2.37 12.96 -18.31
C ASP A 97 -1.52 12.11 -17.39
N LEU A 98 -2.12 11.49 -16.38
CA LEU A 98 -1.43 10.53 -15.53
C LEU A 98 -1.63 9.09 -16.02
N THR A 99 -2.85 8.75 -16.47
CA THR A 99 -3.10 7.40 -16.94
C THR A 99 -2.12 6.93 -18.01
N PRO A 100 -1.85 7.68 -19.10
CA PRO A 100 -0.79 7.21 -20.01
C PRO A 100 0.56 7.04 -19.33
N GLN A 101 0.83 7.83 -18.27
CA GLN A 101 2.12 7.73 -17.59
C GLN A 101 2.24 6.41 -16.83
N VAL A 102 1.14 5.96 -16.23
CA VAL A 102 1.13 4.64 -15.63
C VAL A 102 1.55 3.59 -16.67
N ASN A 103 0.99 3.69 -17.88
CA ASN A 103 1.35 2.74 -18.94
C ASN A 103 2.83 2.82 -19.29
N MET A 104 3.38 4.04 -19.40
CA MET A 104 4.81 4.21 -19.64
C MET A 104 5.63 3.51 -18.56
N ILE A 105 5.27 3.71 -17.29
CA ILE A 105 6.05 3.12 -16.19
C ILE A 105 6.08 1.59 -16.31
N LEU A 106 4.90 0.99 -16.52
CA LEU A 106 4.83 -0.46 -16.59
C LEU A 106 5.63 -0.99 -17.76
N GLU A 107 5.63 -0.27 -18.89
CA GLU A 107 6.50 -0.60 -20.02
C GLU A 107 7.97 -0.61 -19.59
N LEU A 108 8.39 0.45 -18.90
CA LEU A 108 9.80 0.56 -18.54
C LEU A 108 10.20 -0.53 -17.55
N LEU A 109 9.33 -0.87 -16.59
CA LEU A 109 9.64 -1.92 -15.64
C LEU A 109 9.73 -3.27 -16.33
N ASP A 110 8.76 -3.55 -17.22
CA ASP A 110 8.74 -4.82 -17.94
C ASP A 110 10.00 -4.97 -18.78
N ALA A 111 10.40 -3.91 -19.48
CA ALA A 111 11.57 -4.02 -20.34
C ALA A 111 12.84 -4.13 -19.52
N PHE A 112 12.92 -3.38 -18.40
CA PHE A 112 14.09 -3.49 -17.54
C PHE A 112 14.16 -4.84 -16.86
N GLY A 113 13.01 -5.49 -16.66
CA GLY A 113 12.94 -6.69 -15.86
C GLY A 113 12.83 -6.42 -14.37
N ILE A 114 12.36 -5.26 -13.97
CA ILE A 114 12.14 -5.08 -12.53
C ILE A 114 10.93 -5.91 -12.11
N PRO A 115 11.02 -6.71 -11.05
CA PRO A 115 9.86 -7.50 -10.64
C PRO A 115 8.65 -6.64 -10.34
N THR A 116 7.53 -6.97 -10.96
CA THR A 116 6.24 -6.47 -10.53
C THR A 116 5.37 -7.64 -10.07
N ALA A 117 4.39 -7.34 -9.23
CA ALA A 117 3.53 -8.38 -8.69
C ALA A 117 2.09 -7.89 -8.62
N GLY A 118 1.18 -8.84 -8.79
CA GLY A 118 -0.24 -8.55 -8.72
C GLY A 118 -1.03 -9.82 -8.44
N ALA A 119 -2.28 -9.62 -8.03
CA ALA A 119 -3.19 -10.71 -7.76
C ALA A 119 -4.54 -10.32 -8.33
N ALA A 120 -5.04 -11.14 -9.27
CA ALA A 120 -6.32 -10.86 -9.91
C ALA A 120 -7.42 -10.68 -8.87
N GLY A 121 -8.20 -9.61 -9.01
CA GLY A 121 -9.24 -9.31 -8.04
C GLY A 121 -8.74 -8.81 -6.71
N PHE A 122 -7.48 -8.39 -6.62
CA PHE A 122 -6.97 -7.85 -5.37
C PHE A 122 -6.21 -6.55 -5.61
N GLU A 123 -6.12 -5.77 -4.54
CA GLU A 123 -5.42 -4.51 -4.49
C GLU A 123 -3.92 -4.72 -4.24
N ALA A 124 -3.14 -3.69 -4.56
CA ALA A 124 -1.72 -3.69 -4.24
C ALA A 124 -1.51 -3.94 -2.75
N ASN A 125 -2.40 -3.41 -1.90
CA ASN A 125 -2.25 -3.57 -0.47
C ASN A 125 -2.34 -5.04 -0.07
N ASP A 126 -3.17 -5.82 -0.77
CA ASP A 126 -3.20 -7.26 -0.53
C ASP A 126 -1.92 -7.94 -1.02
N VAL A 127 -1.44 -7.55 -2.19
CA VAL A 127 -0.14 -8.06 -2.63
C VAL A 127 0.91 -7.78 -1.57
N LEU A 128 0.97 -6.53 -1.10
CA LEU A 128 1.92 -6.13 -0.06
C LEU A 128 1.77 -6.99 1.18
N GLY A 129 0.52 -7.16 1.65
CA GLY A 129 0.29 -7.97 2.83
C GLY A 129 0.64 -9.44 2.63
N THR A 130 0.34 -9.98 1.44
CA THR A 130 0.68 -11.38 1.17
C THR A 130 2.20 -11.57 1.17
N LEU A 131 2.91 -10.78 0.36
CA LEU A 131 4.36 -10.95 0.26
C LEU A 131 5.06 -10.69 1.60
N SER A 132 4.60 -9.69 2.36
CA SER A 132 5.24 -9.44 3.65
C SER A 132 4.89 -10.51 4.68
N ALA A 133 3.65 -11.03 4.64
CA ALA A 133 3.30 -12.14 5.53
C ALA A 133 4.14 -13.38 5.26
N ARG A 134 4.43 -13.65 3.98
CA ARG A 134 5.14 -14.87 3.63
C ARG A 134 6.66 -14.76 3.78
N GLU A 135 7.22 -13.55 3.81
CA GLU A 135 8.67 -13.43 3.77
C GLU A 135 9.31 -14.09 4.99
N GLU A 136 10.36 -14.87 4.75
CA GLU A 136 11.07 -15.60 5.79
C GLU A 136 12.57 -15.38 5.79
N ARG A 137 13.12 -14.62 4.85
CA ARG A 137 14.57 -14.49 4.71
C ARG A 137 15.08 -13.09 5.02
N ASP A 138 14.49 -12.06 4.42
CA ASP A 138 15.04 -10.73 4.53
C ASP A 138 14.07 -9.79 5.22
N PRO A 139 14.57 -8.80 5.95
CA PRO A 139 13.68 -7.77 6.49
C PRO A 139 12.92 -7.09 5.36
N VAL A 140 11.64 -6.80 5.63
CA VAL A 140 10.73 -6.28 4.61
C VAL A 140 10.55 -4.78 4.82
N VAL A 141 10.73 -4.01 3.76
CA VAL A 141 10.38 -2.60 3.75
C VAL A 141 9.24 -2.41 2.76
N VAL A 142 8.05 -2.10 3.30
CA VAL A 142 6.91 -1.67 2.48
C VAL A 142 7.00 -0.17 2.27
N VAL A 143 7.04 0.28 1.02
CA VAL A 143 7.20 1.70 0.70
C VAL A 143 5.86 2.21 0.20
N SER A 144 5.23 3.11 0.95
CA SER A 144 3.91 3.59 0.57
C SER A 144 3.57 4.90 1.25
N GLY A 145 2.66 5.65 0.62
CA GLY A 145 2.01 6.75 1.28
C GLY A 145 0.72 6.39 1.99
N ASP A 146 0.31 5.12 1.97
CA ASP A 146 -0.99 4.69 2.51
C ASP A 146 -0.81 4.20 3.95
N ARG A 147 -1.38 4.95 4.91
CA ARG A 147 -1.21 4.58 6.31
C ARG A 147 -1.87 3.26 6.67
N ASP A 148 -2.88 2.84 5.90
CA ASP A 148 -3.51 1.53 6.13
C ASP A 148 -2.49 0.40 6.19
N LEU A 149 -1.36 0.54 5.46
CA LEU A 149 -0.35 -0.51 5.44
C LEU A 149 0.39 -0.66 6.78
N LEU A 150 0.28 0.32 7.69
CA LEU A 150 0.89 0.19 9.01
C LEU A 150 0.44 -1.09 9.70
N GLN A 151 -0.70 -1.66 9.27
CA GLN A 151 -1.16 -2.94 9.80
C GLN A 151 -0.21 -4.09 9.48
N LEU A 152 0.75 -3.89 8.57
CA LEU A 152 1.71 -4.95 8.23
C LEU A 152 2.93 -5.00 9.13
N VAL A 153 3.18 -3.95 9.94
CA VAL A 153 4.42 -3.89 10.72
C VAL A 153 4.56 -5.14 11.59
N ARG A 154 5.79 -5.59 11.77
CA ARG A 154 6.04 -6.82 12.52
C ARG A 154 7.45 -6.77 13.07
N ASP A 155 7.62 -7.27 14.30
CA ASP A 155 8.95 -7.60 14.82
C ASP A 155 9.16 -9.11 14.83
N GLU A 156 8.32 -9.84 15.56
CA GLU A 156 8.42 -11.28 15.66
C GLU A 156 7.08 -11.93 15.33
N PRO A 157 7.09 -13.08 14.63
CA PRO A 157 8.27 -13.83 14.19
C PRO A 157 9.09 -13.12 13.13
N ALA A 158 10.42 -13.24 13.25
CA ALA A 158 11.36 -12.77 12.23
C ALA A 158 10.97 -13.31 10.86
N PRO A 159 11.30 -12.62 9.76
CA PRO A 159 11.95 -11.30 9.70
C PRO A 159 11.02 -10.13 9.99
N GLN A 160 11.60 -8.99 10.37
CA GLN A 160 10.76 -7.85 10.69
C GLN A 160 10.15 -7.23 9.43
N VAL A 161 9.10 -6.46 9.64
CA VAL A 161 8.44 -5.74 8.56
C VAL A 161 8.32 -4.28 8.98
N ARG A 162 8.87 -3.38 8.18
CA ARG A 162 8.72 -1.96 8.42
C ARG A 162 8.00 -1.31 7.25
N VAL A 163 7.28 -0.23 7.53
CA VAL A 163 6.66 0.59 6.50
C VAL A 163 7.47 1.87 6.40
N LEU A 164 8.07 2.10 5.23
CA LEU A 164 8.73 3.38 4.94
C LEU A 164 7.65 4.31 4.38
N TYR A 165 7.21 5.23 5.22
CA TYR A 165 5.95 5.93 5.01
C TYR A 165 6.22 7.24 4.27
N LEU A 166 5.45 7.45 3.19
CA LEU A 166 5.64 8.53 2.22
C LEU A 166 4.71 9.71 2.44
N GLY A 167 4.08 9.80 3.62
CA GLY A 167 3.14 10.89 3.87
C GLY A 167 3.76 12.27 3.75
N ARG A 168 5.05 12.40 4.06
CA ARG A 168 5.75 13.67 3.95
C ARG A 168 6.77 13.67 2.83
N GLY A 169 6.65 12.72 1.91
CA GLY A 169 7.59 12.57 0.81
C GLY A 169 8.67 11.57 1.12
N LEU A 170 9.42 11.19 0.08
CA LEU A 170 10.45 10.17 0.26
C LEU A 170 11.61 10.68 1.10
N ALA A 171 12.06 11.92 0.87
CA ALA A 171 13.24 12.43 1.56
C ALA A 171 13.05 12.43 3.08
N LYS A 172 11.85 12.79 3.56
CA LYS A 172 11.55 12.78 4.99
C LYS A 172 11.07 11.43 5.51
N ALA A 173 10.79 10.47 4.63
CA ALA A 173 10.28 9.17 5.06
C ALA A 173 11.18 8.49 6.09
N THR A 174 10.57 8.04 7.18
CA THR A 174 11.23 7.12 8.11
C THR A 174 10.50 5.78 8.13
N LYS A 175 11.17 4.81 8.72
CA LYS A 175 10.63 3.45 8.80
C LYS A 175 9.77 3.29 10.05
N TRP A 176 8.56 2.79 9.85
CA TRP A 176 7.59 2.60 10.92
C TRP A 176 7.53 1.12 11.27
N GLY A 177 7.75 0.80 12.54
CA GLY A 177 7.58 -0.56 13.02
C GLY A 177 6.50 -0.60 14.06
N PRO A 178 6.35 -1.72 14.77
CA PRO A 178 5.32 -1.79 15.81
C PRO A 178 5.46 -0.69 16.87
N ALA A 179 6.69 -0.34 17.25
CA ALA A 179 6.89 0.69 18.28
C ALA A 179 6.34 2.03 17.83
N GLU A 180 6.73 2.48 16.63
CA GLU A 180 6.22 3.75 16.13
C GLU A 180 4.70 3.71 16.02
N VAL A 181 4.15 2.61 15.50
CA VAL A 181 2.70 2.49 15.38
C VAL A 181 2.04 2.53 16.75
N ALA A 182 2.62 1.82 17.73
CA ALA A 182 2.08 1.86 19.09
C ALA A 182 2.14 3.28 19.66
N GLU A 183 3.27 3.96 19.43
CA GLU A 183 3.48 5.28 20.01
C GLU A 183 2.57 6.32 19.37
N GLN A 184 2.18 6.11 18.11
CA GLN A 184 1.45 7.13 17.36
C GLN A 184 -0.06 6.97 17.45
N TYR A 185 -0.55 5.81 17.84
CA TYR A 185 -1.96 5.51 17.78
C TYR A 185 -2.49 4.84 19.05
N GLY A 186 -1.62 4.47 19.98
CA GLY A 186 -2.03 3.90 21.25
C GLY A 186 -2.46 2.45 21.22
N VAL A 187 -2.14 1.72 20.17
CA VAL A 187 -2.45 0.30 20.08
C VAL A 187 -1.42 -0.48 20.89
N PRO A 188 -1.72 -1.68 21.39
CA PRO A 188 -0.72 -2.43 22.15
C PRO A 188 0.44 -2.87 21.26
N LEU A 189 1.63 -2.87 21.86
CA LEU A 189 2.84 -3.10 21.06
C LEU A 189 2.96 -4.55 20.59
N ASP A 190 2.50 -5.50 21.40
CA ASP A 190 2.64 -6.92 21.06
C ASP A 190 1.73 -7.33 19.91
N ARG A 191 0.81 -6.48 19.47
CA ARG A 191 0.02 -6.78 18.29
C ARG A 191 -0.29 -5.50 17.51
N ALA A 192 0.69 -4.59 17.46
CA ALA A 192 0.47 -3.25 16.92
C ALA A 192 -0.12 -3.27 15.50
N GLY A 193 0.36 -4.17 14.64
CA GLY A 193 -0.08 -4.23 13.26
C GLY A 193 -1.55 -4.53 13.12
N THR A 194 -1.96 -5.71 13.62
CA THR A 194 -3.37 -6.10 13.58
C THR A 194 -4.24 -5.15 14.38
N ALA A 195 -3.74 -4.70 15.53
CA ALA A 195 -4.50 -3.77 16.35
C ALA A 195 -4.68 -2.45 15.63
N TYR A 196 -3.68 -2.02 14.86
CA TYR A 196 -3.88 -0.80 14.08
C TYR A 196 -5.05 -0.95 13.12
N ALA A 197 -5.17 -2.12 12.48
CA ALA A 197 -6.27 -2.31 11.54
C ALA A 197 -7.61 -2.36 12.26
N GLU A 198 -7.62 -2.90 13.48
CA GLU A 198 -8.85 -2.94 14.26
C GLU A 198 -9.26 -1.54 14.67
N LEU A 199 -8.28 -0.70 15.04
CA LEU A 199 -8.56 0.69 15.40
C LEU A 199 -9.07 1.46 14.19
N ALA A 200 -8.48 1.23 13.01
CA ALA A 200 -8.91 1.95 11.81
C ALA A 200 -10.33 1.54 11.41
N LEU A 201 -10.68 0.26 11.58
CA LEU A 201 -12.05 -0.18 11.36
C LEU A 201 -13.02 0.63 12.20
N LEU A 202 -12.77 0.69 13.52
CA LEU A 202 -13.66 1.40 14.45
C LEU A 202 -13.71 2.89 14.16
N ARG A 203 -12.54 3.53 14.05
CA ARG A 203 -12.54 4.99 13.94
C ARG A 203 -13.05 5.45 12.58
N GLY A 204 -12.89 4.61 11.55
CA GLY A 204 -13.27 4.98 10.20
C GLY A 204 -12.07 5.43 9.38
N ASP A 205 -12.35 5.68 8.10
CA ASP A 205 -11.37 6.19 7.15
C ASP A 205 -12.12 6.87 5.99
N PRO A 206 -12.40 8.17 6.12
CA PRO A 206 -13.18 8.84 5.08
C PRO A 206 -12.51 8.88 3.72
N SER A 207 -11.18 9.00 3.65
CA SER A 207 -10.53 9.05 2.34
C SER A 207 -10.68 7.75 1.56
N ASP A 208 -11.19 6.68 2.18
CA ASP A 208 -11.52 5.44 1.48
C ASP A 208 -13.01 5.11 1.51
N GLY A 209 -13.87 6.04 1.97
CA GLY A 209 -15.29 5.78 2.01
C GLY A 209 -15.72 4.74 3.02
N LEU A 210 -14.99 4.62 4.12
CA LEU A 210 -15.37 3.72 5.20
C LEU A 210 -15.81 4.57 6.39
N PRO A 211 -17.10 4.60 6.72
CA PRO A 211 -17.57 5.54 7.74
C PRO A 211 -17.06 5.25 9.14
N GLY A 212 -16.67 4.00 9.42
CA GLY A 212 -16.35 3.60 10.78
C GLY A 212 -17.60 3.54 11.65
N VAL A 213 -17.39 3.29 12.94
CA VAL A 213 -18.46 3.13 13.92
C VAL A 213 -18.74 4.48 14.55
N ALA A 214 -19.96 5.01 14.32
CA ALA A 214 -20.32 6.34 14.81
C ALA A 214 -20.15 6.42 16.32
N GLY A 215 -19.51 7.49 16.78
CA GLY A 215 -19.33 7.72 18.19
C GLY A 215 -18.12 7.05 18.80
N ILE A 216 -17.32 6.37 17.99
CA ILE A 216 -16.11 5.72 18.49
C ILE A 216 -14.94 6.25 17.67
N GLY A 217 -14.30 7.31 18.18
CA GLY A 217 -13.13 7.88 17.54
C GLY A 217 -11.87 7.10 17.83
N GLU A 218 -10.76 7.62 17.30
CA GLU A 218 -9.48 6.93 17.42
C GLU A 218 -9.02 6.82 18.87
N LYS A 219 -9.18 7.88 19.67
CA LYS A 219 -8.81 7.78 21.07
C LYS A 219 -9.61 6.70 21.78
N THR A 220 -10.94 6.71 21.60
CA THR A 220 -11.79 5.73 22.26
C THR A 220 -11.48 4.32 21.75
N ALA A 221 -11.25 4.19 20.44
CA ALA A 221 -10.87 2.89 19.89
C ALA A 221 -9.61 2.35 20.58
N ALA A 222 -8.60 3.21 20.73
CA ALA A 222 -7.36 2.79 21.36
C ALA A 222 -7.61 2.29 22.79
N SER A 223 -8.28 3.11 23.60
CA SER A 223 -8.50 2.75 24.99
C SER A 223 -9.38 1.50 25.13
N LEU A 224 -10.22 1.21 24.14
CA LEU A 224 -10.96 -0.05 24.18
C LEU A 224 -10.12 -1.24 23.74
N LEU A 225 -9.14 -1.00 22.86
CA LEU A 225 -8.14 -2.04 22.59
C LEU A 225 -7.15 -2.15 23.74
N ALA A 226 -6.70 -1.00 24.27
CA ALA A 226 -5.80 -1.00 25.42
C ALA A 226 -6.38 -1.72 26.62
N LYS A 227 -7.70 -1.86 26.69
CA LYS A 227 -8.38 -2.49 27.81
C LYS A 227 -8.88 -3.89 27.50
N HIS A 228 -9.39 -4.14 26.30
CA HIS A 228 -9.91 -5.46 25.93
C HIS A 228 -8.99 -6.24 25.00
N GLY A 229 -7.89 -5.63 24.53
CA GLY A 229 -6.85 -6.36 23.83
C GLY A 229 -7.07 -6.63 22.35
N SER A 230 -8.31 -6.95 21.98
CA SER A 230 -8.60 -7.33 20.60
C SER A 230 -10.06 -7.01 20.27
N LEU A 231 -10.30 -6.83 18.98
CA LEU A 231 -11.63 -6.43 18.52
C LEU A 231 -12.65 -7.53 18.78
N GLN A 232 -12.27 -8.78 18.52
CA GLN A 232 -13.13 -9.91 18.87
C GLN A 232 -13.56 -9.83 20.32
N ASN A 233 -12.64 -9.48 21.21
CA ASN A 233 -12.98 -9.37 22.62
C ASN A 233 -13.97 -8.24 22.87
N ILE A 234 -13.79 -7.10 22.20
CA ILE A 234 -14.69 -5.97 22.39
C ILE A 234 -16.13 -6.35 22.05
N LEU A 235 -16.33 -7.06 20.94
CA LEU A 235 -17.66 -7.50 20.55
C LEU A 235 -18.24 -8.52 21.52
N ASP A 236 -17.39 -9.37 22.11
CA ASP A 236 -17.85 -10.25 23.17
C ASP A 236 -18.24 -9.45 24.42
N ALA A 237 -17.37 -8.53 24.86
CA ALA A 237 -17.69 -7.68 26.00
C ALA A 237 -18.98 -6.90 25.75
N ALA A 238 -19.25 -6.55 24.50
CA ALA A 238 -20.49 -5.88 24.17
C ALA A 238 -21.67 -6.84 24.18
N HIS A 239 -21.48 -8.05 23.66
CA HIS A 239 -22.56 -9.04 23.62
C HIS A 239 -22.85 -9.63 24.99
N ASP A 240 -21.91 -9.58 25.95
CA ASP A 240 -22.16 -10.11 27.27
C ASP A 240 -22.69 -9.00 28.18
N PRO A 241 -23.92 -9.12 28.69
CA PRO A 241 -24.61 -7.96 29.28
C PRO A 241 -24.01 -7.43 30.57
N LYS A 242 -23.11 -8.14 31.25
CA LYS A 242 -22.52 -7.58 32.46
C LYS A 242 -21.01 -7.46 32.33
N SER A 243 -20.48 -7.36 31.12
CA SER A 243 -19.09 -6.95 30.98
C SER A 243 -18.92 -5.51 31.47
N GLY A 244 -17.69 -5.18 31.86
CA GLY A 244 -17.40 -3.86 32.39
C GLY A 244 -17.63 -2.72 31.41
N LEU A 245 -17.92 -3.04 30.14
CA LEU A 245 -18.15 -2.04 29.12
C LEU A 245 -19.23 -1.04 29.54
N SER A 246 -18.99 0.24 29.25
CA SER A 246 -20.00 1.27 29.52
C SER A 246 -21.19 1.09 28.59
N LYS A 247 -22.37 1.44 29.10
CA LYS A 247 -23.59 1.22 28.33
C LYS A 247 -23.62 2.06 27.06
N ALA A 248 -23.13 3.31 27.14
CA ALA A 248 -22.98 4.11 25.93
C ALA A 248 -22.12 3.39 24.89
N HIS A 249 -20.97 2.87 25.31
CA HIS A 249 -20.09 2.16 24.39
C HIS A 249 -20.76 0.91 23.84
N ARG A 250 -21.46 0.16 24.70
CA ARG A 250 -22.21 -1.01 24.25
C ARG A 250 -23.21 -0.62 23.17
N THR A 251 -24.00 0.44 23.42
CA THR A 251 -25.00 0.86 22.45
C THR A 251 -24.37 1.24 21.11
N LYS A 252 -23.26 1.98 21.16
CA LYS A 252 -22.57 2.33 19.92
C LYS A 252 -22.07 1.08 19.19
N LEU A 253 -21.55 0.11 19.95
CA LEU A 253 -20.98 -1.08 19.33
C LEU A 253 -22.06 -2.00 18.77
N LEU A 254 -23.17 -2.15 19.51
CA LEU A 254 -24.26 -3.02 19.03
C LEU A 254 -24.98 -2.42 17.83
N GLY A 255 -25.15 -1.09 17.81
CA GLY A 255 -25.77 -0.42 16.69
C GLY A 255 -24.94 -0.48 15.43
N ALA A 256 -23.84 -1.25 15.47
CA ALA A 256 -22.91 -1.31 14.36
C ALA A 256 -22.44 -2.73 14.04
N VAL A 257 -23.06 -3.77 14.63
CA VAL A 257 -22.52 -5.12 14.56
C VAL A 257 -22.31 -5.56 13.12
N ASP A 258 -23.28 -5.28 12.24
CA ASP A 258 -23.17 -5.75 10.87
C ASP A 258 -22.12 -4.98 10.08
N TYR A 259 -21.96 -3.67 10.37
CA TYR A 259 -20.88 -2.93 9.75
C TYR A 259 -19.52 -3.45 10.23
N ILE A 260 -19.39 -3.70 11.54
CA ILE A 260 -18.15 -4.27 12.09
C ILE A 260 -17.82 -5.58 11.40
N ALA A 261 -18.80 -6.49 11.29
CA ALA A 261 -18.55 -7.78 10.65
C ALA A 261 -18.17 -7.59 9.19
N ALA A 262 -18.90 -6.73 8.46
CA ALA A 262 -18.65 -6.57 7.04
C ALA A 262 -17.33 -5.84 6.77
N ALA A 263 -16.98 -4.87 7.62
CA ALA A 263 -15.74 -4.10 7.43
C ALA A 263 -14.50 -4.92 7.69
N GLU A 264 -14.60 -5.99 8.48
CA GLU A 264 -13.44 -6.78 8.89
C GLU A 264 -12.57 -7.16 7.70
N THR A 265 -13.18 -7.79 6.71
CA THR A 265 -12.44 -8.23 5.54
C THR A 265 -12.18 -7.12 4.54
N VAL A 266 -12.91 -6.00 4.65
CA VAL A 266 -12.61 -4.83 3.83
C VAL A 266 -11.38 -4.10 4.35
N VAL A 267 -11.30 -3.89 5.68
CA VAL A 267 -10.24 -3.07 6.26
C VAL A 267 -8.93 -3.84 6.33
N ARG A 268 -9.00 -5.13 6.68
CA ARG A 268 -7.80 -5.95 6.73
C ARG A 268 -7.35 -6.33 5.32
N VAL A 269 -6.04 -6.25 5.08
CA VAL A 269 -5.48 -6.71 3.81
C VAL A 269 -5.50 -8.23 3.77
N ALA A 270 -5.71 -8.78 2.57
CA ALA A 270 -5.62 -10.23 2.40
C ALA A 270 -4.15 -10.64 2.50
N THR A 271 -3.85 -11.65 3.31
CA THR A 271 -2.49 -12.18 3.44
C THR A 271 -2.24 -13.44 2.62
N ASP A 272 -3.25 -13.94 1.91
CA ASP A 272 -3.14 -15.18 1.14
C ASP A 272 -3.61 -14.97 -0.29
N ALA A 273 -3.31 -13.81 -0.86
CA ALA A 273 -3.74 -13.52 -2.21
C ALA A 273 -2.93 -14.36 -3.21
N PRO A 274 -3.49 -14.69 -4.36
CA PRO A 274 -2.71 -15.45 -5.35
C PRO A 274 -1.76 -14.54 -6.14
N VAL A 275 -0.66 -14.17 -5.50
CA VAL A 275 0.28 -13.25 -6.12
C VAL A 275 1.01 -13.96 -7.25
N THR A 276 1.21 -13.24 -8.36
CA THR A 276 2.08 -13.71 -9.43
C THR A 276 3.07 -12.59 -9.77
N PHE A 277 4.31 -12.98 -10.08
CA PHE A 277 5.38 -12.07 -10.46
C PHE A 277 5.46 -11.99 -11.98
N SER A 278 5.86 -10.82 -12.48
CA SER A 278 6.19 -10.69 -13.88
C SER A 278 7.55 -11.30 -14.21
N THR A 279 8.39 -11.52 -13.22
CA THR A 279 9.72 -12.09 -13.37
C THR A 279 9.76 -13.47 -12.72
N PRO A 280 10.75 -14.29 -13.05
CA PRO A 280 10.85 -15.60 -12.38
C PRO A 280 11.09 -15.50 -10.88
N THR A 281 11.79 -14.46 -10.43
CA THR A 281 12.08 -14.24 -9.00
C THR A 281 11.92 -12.77 -8.68
N ASP A 282 11.97 -12.44 -7.38
CA ASP A 282 11.91 -11.05 -6.94
C ASP A 282 13.29 -10.40 -6.83
N THR A 283 14.31 -11.00 -7.43
CA THR A 283 15.64 -10.40 -7.40
C THR A 283 15.65 -9.14 -8.24
N LEU A 284 16.28 -8.09 -7.71
CA LEU A 284 16.51 -6.85 -8.45
C LEU A 284 17.60 -7.07 -9.49
N PRO A 285 17.31 -6.89 -10.78
CA PRO A 285 18.36 -7.06 -11.79
C PRO A 285 19.37 -5.91 -11.74
N LEU A 286 20.62 -6.25 -12.03
CA LEU A 286 21.71 -5.29 -12.00
C LEU A 286 21.91 -4.58 -13.34
N ALA A 287 21.29 -5.06 -14.40
CA ALA A 287 21.20 -4.31 -15.65
C ALA A 287 19.86 -4.63 -16.31
N ALA A 288 19.50 -3.82 -17.30
CA ALA A 288 18.23 -4.02 -18.01
C ALA A 288 18.18 -5.39 -18.67
N GLY A 289 17.04 -6.06 -18.52
CA GLY A 289 16.83 -7.31 -19.25
C GLY A 289 16.79 -7.12 -20.75
N ASP A 290 16.29 -5.96 -21.20
CA ASP A 290 16.16 -5.65 -22.62
C ASP A 290 16.73 -4.25 -22.83
N PRO A 291 18.07 -4.11 -22.86
CA PRO A 291 18.66 -2.77 -22.86
C PRO A 291 18.28 -1.92 -24.05
N ALA A 292 18.14 -2.52 -25.24
CA ALA A 292 17.75 -1.75 -26.40
C ALA A 292 16.35 -1.19 -26.25
N ARG A 293 15.40 -2.02 -25.84
CA ARG A 293 14.03 -1.54 -25.64
C ARG A 293 13.97 -0.53 -24.50
N VAL A 294 14.71 -0.78 -23.42
CA VAL A 294 14.76 0.21 -22.34
C VAL A 294 15.23 1.55 -22.88
N ALA A 295 16.30 1.53 -23.68
CA ALA A 295 16.84 2.76 -24.24
C ALA A 295 15.86 3.41 -25.20
N GLU A 296 15.11 2.60 -25.96
CA GLU A 296 14.15 3.16 -26.89
C GLU A 296 12.93 3.73 -26.15
N LEU A 297 12.43 3.01 -25.16
CA LEU A 297 11.26 3.49 -24.42
C LEU A 297 11.58 4.75 -23.63
N ALA A 298 12.79 4.83 -23.06
CA ALA A 298 13.19 5.99 -22.27
C ALA A 298 13.38 7.22 -23.13
N ALA A 299 13.97 7.05 -24.33
CA ALA A 299 13.97 8.10 -25.32
C ALA A 299 12.54 8.55 -25.62
N ALA A 300 11.71 7.63 -26.11
CA ALA A 300 10.33 7.96 -26.44
C ALA A 300 9.60 8.64 -25.29
N TYR A 301 9.86 8.21 -24.06
CA TYR A 301 9.15 8.75 -22.91
C TYR A 301 9.88 9.90 -22.23
N GLY A 302 11.03 10.33 -22.75
CA GLY A 302 11.75 11.46 -22.17
C GLY A 302 12.25 11.30 -20.76
N VAL A 303 12.72 10.09 -20.39
CA VAL A 303 13.30 9.89 -19.06
C VAL A 303 14.63 9.14 -19.19
N SER A 304 15.39 9.45 -20.24
CA SER A 304 16.69 8.81 -20.43
C SER A 304 17.60 9.06 -19.24
N SER A 305 17.65 10.30 -18.74
CA SER A 305 18.54 10.60 -17.61
C SER A 305 18.11 9.86 -16.35
N SER A 306 16.82 9.66 -16.14
CA SER A 306 16.37 8.85 -15.01
C SER A 306 16.84 7.40 -15.12
N ILE A 307 16.83 6.84 -16.34
CA ILE A 307 17.31 5.47 -16.51
C ILE A 307 18.81 5.41 -16.27
N SER A 308 19.52 6.43 -16.73
CA SER A 308 20.95 6.59 -16.44
C SER A 308 21.21 6.54 -14.94
N ARG A 309 20.44 7.32 -14.17
CA ARG A 309 20.63 7.35 -12.71
C ARG A 309 20.27 6.03 -12.06
N LEU A 310 19.26 5.32 -12.57
CA LEU A 310 18.94 4.00 -12.04
C LEU A 310 20.10 3.03 -12.27
N GLN A 311 20.65 3.02 -13.48
CA GLN A 311 21.79 2.16 -13.76
C GLN A 311 22.96 2.45 -12.83
N THR A 312 23.24 3.75 -12.50
CA THR A 312 24.35 4.08 -11.57
C THR A 312 24.07 3.55 -10.16
N ALA A 313 22.84 3.71 -9.67
CA ALA A 313 22.49 3.13 -8.37
C ALA A 313 22.70 1.63 -8.34
N LEU A 314 22.24 0.92 -9.39
CA LEU A 314 22.45 -0.53 -9.48
C LEU A 314 23.93 -0.87 -9.50
N ASP A 315 24.73 -0.13 -10.27
CA ASP A 315 26.17 -0.36 -10.32
C ASP A 315 26.83 -0.24 -8.93
N GLN A 316 26.24 0.55 -8.03
CA GLN A 316 26.82 0.75 -6.71
C GLN A 316 26.33 -0.27 -5.68
N LEU A 317 25.53 -1.22 -6.08
CA LEU A 317 25.24 -2.33 -5.19
C LEU A 317 26.46 -3.25 -5.13
N PRO A 318 26.87 -3.71 -3.95
CA PRO A 318 28.03 -4.61 -3.78
C PRO A 318 27.81 -6.00 -4.35
MN MN B . -3.84 1.10 -2.52
MN MN C . -7.62 2.91 3.34
MN MN D . -17.16 -2.91 -10.50
#